data_7NNE
#
_entry.id   7NNE
#
_cell.length_a   82.277
_cell.length_b   111.256
_cell.length_c   62.438
_cell.angle_alpha   90.000
_cell.angle_beta   90.000
_cell.angle_gamma   90.000
#
_symmetry.space_group_name_H-M   'C 2 2 21'
#
loop_
_entity.id
_entity.type
_entity.pdbx_description
1 polymer '14-3-3 protein sigma'
2 polymer 'Amot-p130 phosphopeptide (pS175)'
3 non-polymer 5-[3-(2-azanylethyl)imidazol-4-yl]-4-phenyl-thiophene-2-carboximidamide
4 non-polymer 'CHLORIDE ION'
5 water water
#
loop_
_entity_poly.entity_id
_entity_poly.type
_entity_poly.pdbx_seq_one_letter_code
_entity_poly.pdbx_strand_id
1 'polypeptide(L)'
;GAMGSMERASLIQKAKLAEQAERYEDMAAFMKGAVEKGEELS(CSO)EERNLLSVAYKNVVGGQRAAWRVLSSIEQKSNE
EGSEEKGPEVREYREKVETELQGVCDTVLGLLDSHLIKEAGDAESRVFYLKMKGDYYRYLAEVATGDDKKRIIDSARSAY
QEAMDISKKEMPPTNPIRLGLALNFSVFHYEIANSPEEAISLAKTTFDEAMADLHTLSEDSYKDSTLIMQLLRDNLTLWT
ADNAGEEGGEAPQEPQS
;
A
2 'polypeptide(L)' GHVRSL(SEP)ERLMQM P
#
loop_
_chem_comp.id
_chem_comp.type
_chem_comp.name
_chem_comp.formula
CL non-polymer 'CHLORIDE ION' 'Cl -1'
K92 non-polymer 5-[3-(2-azanylethyl)imidazol-4-yl]-4-phenyl-thiophene-2-carboximidamide 'C16 H17 N5 S'
#
# COMPACT_ATOMS: atom_id res chain seq x y z
N GLY A 1 -11.80 -21.55 -5.73
CA GLY A 1 -10.58 -21.16 -4.95
C GLY A 1 -9.82 -22.37 -4.44
N ALA A 2 -8.52 -22.43 -4.78
CA ALA A 2 -7.71 -23.59 -4.42
C ALA A 2 -7.53 -23.75 -2.92
N MET A 3 -7.82 -22.71 -2.13
CA MET A 3 -7.73 -22.78 -0.68
C MET A 3 -9.09 -23.03 -0.02
N GLY A 4 -10.14 -23.27 -0.83
CA GLY A 4 -11.46 -23.43 -0.28
C GLY A 4 -11.61 -24.62 0.63
N SER A 5 -10.77 -25.65 0.44
CA SER A 5 -10.87 -26.85 1.27
C SER A 5 -10.10 -26.75 2.58
N MET A 6 -9.35 -25.67 2.81
CA MET A 6 -8.54 -25.56 4.01
C MET A 6 -9.22 -24.69 5.06
N GLU A 7 -9.11 -25.12 6.32
CA GLU A 7 -9.69 -24.38 7.43
C GLU A 7 -9.16 -22.95 7.47
N ARG A 8 -10.03 -22.02 7.85
CA ARG A 8 -9.62 -20.63 8.02
C ARG A 8 -8.43 -20.52 8.96
N ALA A 9 -8.48 -21.21 10.10
CA ALA A 9 -7.39 -21.13 11.07
C ALA A 9 -6.10 -21.70 10.50
N SER A 10 -6.20 -22.76 9.70
CA SER A 10 -5.02 -23.35 9.09
C SER A 10 -4.39 -22.40 8.08
N LEU A 11 -5.21 -21.70 7.29
CA LEU A 11 -4.68 -20.71 6.35
C LEU A 11 -3.94 -19.61 7.09
N ILE A 12 -4.51 -19.10 8.18
CA ILE A 12 -3.84 -18.07 8.96
C ILE A 12 -2.54 -18.60 9.55
N GLN A 13 -2.58 -19.80 10.13
CA GLN A 13 -1.37 -20.39 10.69
C GLN A 13 -0.28 -20.51 9.64
N LYS A 14 -0.65 -20.94 8.43
CA LYS A 14 0.33 -21.14 7.38
C LYS A 14 0.80 -19.83 6.78
N ALA A 15 -0.05 -18.81 6.74
CA ALA A 15 0.40 -17.48 6.33
C ALA A 15 1.51 -16.99 7.25
N LYS A 16 1.40 -17.26 8.55
CA LYS A 16 2.43 -16.84 9.50
C LYS A 16 3.72 -17.64 9.27
N LEU A 17 3.60 -18.93 8.98
CA LEU A 17 4.77 -19.73 8.62
C LEU A 17 5.41 -19.20 7.34
N ALA A 18 4.59 -18.92 6.33
CA ALA A 18 5.12 -18.39 5.07
C ALA A 18 5.88 -17.08 5.30
N GLU A 19 5.36 -16.22 6.18
CA GLU A 19 6.07 -14.99 6.49
C GLU A 19 7.44 -15.28 7.08
N GLN A 20 7.50 -16.19 8.06
CA GLN A 20 8.80 -16.56 8.63
C GLN A 20 9.72 -17.14 7.57
N ALA A 21 9.18 -17.89 6.63
CA ALA A 21 9.95 -18.46 5.54
C ALA A 21 10.18 -17.48 4.40
N GLU A 22 9.63 -16.27 4.49
CA GLU A 22 9.77 -15.27 3.43
C GLU A 22 9.26 -15.82 2.10
N ARG A 23 8.15 -16.56 2.17
CA ARG A 23 7.47 -17.13 1.01
C ARG A 23 6.18 -16.33 0.81
N TYR A 24 6.31 -15.13 0.25
CA TYR A 24 5.19 -14.19 0.26
C TYR A 24 4.14 -14.51 -0.79
N GLU A 25 4.50 -15.19 -1.88
CA GLU A 25 3.48 -15.69 -2.79
C GLU A 25 2.57 -16.69 -2.08
N ASP A 26 3.17 -17.66 -1.38
CA ASP A 26 2.38 -18.57 -0.55
C ASP A 26 1.55 -17.80 0.46
N MET A 27 2.15 -16.78 1.09
CA MET A 27 1.45 -16.02 2.11
C MET A 27 0.22 -15.33 1.52
N ALA A 28 0.36 -14.75 0.32
CA ALA A 28 -0.78 -14.10 -0.32
C ALA A 28 -1.89 -15.11 -0.61
N ALA A 29 -1.53 -16.26 -1.18
CA ALA A 29 -2.53 -17.27 -1.50
C ALA A 29 -3.27 -17.71 -0.24
N PHE A 30 -2.55 -17.92 0.86
CA PHE A 30 -3.19 -18.35 2.10
C PHE A 30 -4.15 -17.27 2.60
N MET A 31 -3.72 -16.01 2.59
CA MET A 31 -4.57 -14.94 3.12
C MET A 31 -5.73 -14.64 2.18
N LYS A 32 -5.52 -14.74 0.86
CA LYS A 32 -6.65 -14.67 -0.07
C LYS A 32 -7.67 -15.74 0.27
N GLY A 33 -7.22 -16.98 0.47
CA GLY A 33 -8.11 -18.03 0.91
C GLY A 33 -8.84 -17.66 2.20
N ALA A 34 -8.10 -17.12 3.17
CA ALA A 34 -8.72 -16.73 4.43
C ALA A 34 -9.82 -15.69 4.21
N VAL A 35 -9.52 -14.66 3.41
CA VAL A 35 -10.51 -13.63 3.12
C VAL A 35 -11.75 -14.25 2.50
N GLU A 36 -11.57 -15.18 1.57
CA GLU A 36 -12.70 -15.74 0.83
C GLU A 36 -13.57 -16.65 1.69
N LYS A 37 -13.19 -16.91 2.94
CA LYS A 37 -14.10 -17.59 3.86
C LYS A 37 -15.30 -16.74 4.22
N GLY A 38 -15.24 -15.43 4.01
CA GLY A 38 -16.37 -14.55 4.20
C GLY A 38 -16.41 -13.80 5.52
N GLU A 39 -15.58 -14.20 6.48
CA GLU A 39 -15.55 -13.53 7.78
C GLU A 39 -14.64 -12.32 7.73
N GLU A 40 -14.98 -11.31 8.52
CA GLU A 40 -14.13 -10.14 8.65
C GLU A 40 -12.79 -10.55 9.23
N LEU A 41 -11.80 -9.67 9.10
CA LEU A 41 -10.44 -9.95 9.52
C LEU A 41 -10.11 -9.18 10.80
N SER A 42 -9.37 -9.84 11.68
CA SER A 42 -8.81 -9.18 12.85
C SER A 42 -7.69 -8.25 12.42
N CSO A 43 -7.24 -7.40 13.34
N CSO A 43 -7.23 -7.41 13.34
CA CSO A 43 -6.17 -6.44 13.05
CA CSO A 43 -6.18 -6.44 13.02
CB CSO A 43 -5.87 -5.59 14.28
CB CSO A 43 -5.93 -5.50 14.20
SG CSO A 43 -4.57 -4.38 13.93
SG CSO A 43 -4.21 -5.59 14.72
C CSO A 43 -4.92 -7.20 12.60
C CSO A 43 -4.89 -7.17 12.63
O CSO A 43 -4.26 -6.79 11.65
O CSO A 43 -4.16 -6.73 11.74
OD CSO A 43 -5.08 -2.78 14.50
OD CSO A 43 -3.50 -3.95 14.83
H CSO A 43 -7.54 -7.35 14.15
H CSO A 43 -7.50 -7.38 14.16
HA CSO A 43 -6.44 -5.84 12.33
HA CSO A 43 -6.46 -5.89 12.26
HB2 CSO A 43 -5.56 -6.17 15.01
HB2 CSO A 43 -6.50 -5.77 14.95
HB3 CSO A 43 -6.67 -5.12 14.55
HB3 CSO A 43 -6.13 -4.60 13.94
HD CSO A 43 -4.48 -2.09 14.14
HD CSO A 43 -2.58 -4.01 15.13
N GLU A 44 -4.61 -8.29 13.30
CA GLU A 44 -3.44 -9.10 12.96
C GLU A 44 -3.60 -9.69 11.57
N GLU A 45 -4.79 -10.26 11.32
CA GLU A 45 -5.05 -10.88 10.02
C GLU A 45 -4.99 -9.85 8.89
N ARG A 46 -5.49 -8.63 9.15
CA ARG A 46 -5.40 -7.58 8.15
C ARG A 46 -3.95 -7.28 7.80
N ASN A 47 -3.07 -7.25 8.81
CA ASN A 47 -1.67 -6.94 8.56
C ASN A 47 -0.97 -8.10 7.84
N LEU A 48 -1.35 -9.34 8.15
CA LEU A 48 -0.83 -10.48 7.39
C LEU A 48 -1.19 -10.36 5.92
N LEU A 49 -2.44 -9.98 5.63
CA LEU A 49 -2.84 -9.73 4.25
C LEU A 49 -1.98 -8.65 3.61
N SER A 50 -1.80 -7.53 4.32
CA SER A 50 -1.01 -6.43 3.79
C SER A 50 0.45 -6.85 3.57
N VAL A 51 1.03 -7.56 4.54
CA VAL A 51 2.43 -7.98 4.41
C VAL A 51 2.62 -8.84 3.17
N ALA A 52 1.73 -9.81 2.97
CA ALA A 52 1.91 -10.76 1.89
C ALA A 52 1.89 -10.06 0.53
N TYR A 53 0.86 -9.27 0.27
CA TYR A 53 0.70 -8.67 -1.05
C TYR A 53 1.65 -7.51 -1.28
N LYS A 54 2.00 -6.75 -0.24
CA LYS A 54 2.97 -5.68 -0.41
C LYS A 54 4.32 -6.24 -0.85
N ASN A 55 4.73 -7.37 -0.28
CA ASN A 55 6.00 -7.97 -0.69
C ASN A 55 5.90 -8.51 -2.11
N VAL A 56 4.80 -9.18 -2.45
CA VAL A 56 4.61 -9.68 -3.81
C VAL A 56 4.67 -8.55 -4.81
N VAL A 57 3.82 -7.53 -4.62
CA VAL A 57 3.80 -6.41 -5.55
C VAL A 57 5.09 -5.61 -5.45
N GLY A 58 5.73 -5.61 -4.27
CA GLY A 58 6.99 -4.89 -4.13
C GLY A 58 8.08 -5.42 -5.05
N GLY A 59 8.16 -6.75 -5.18
CA GLY A 59 9.11 -7.33 -6.10
C GLY A 59 8.78 -7.05 -7.55
N GLN A 60 7.49 -6.98 -7.88
CA GLN A 60 7.08 -6.68 -9.25
C GLN A 60 7.38 -5.23 -9.61
N ARG A 61 7.15 -4.30 -8.67
CA ARG A 61 7.44 -2.90 -8.94
C ARG A 61 8.93 -2.68 -9.14
N ALA A 62 9.77 -3.34 -8.33
CA ALA A 62 11.21 -3.21 -8.48
C ALA A 62 11.66 -3.76 -9.83
N ALA A 63 11.15 -4.93 -10.21
CA ALA A 63 11.49 -5.50 -11.51
C ALA A 63 10.99 -4.61 -12.65
N TRP A 64 9.76 -4.13 -12.53
CA TRP A 64 9.21 -3.26 -13.57
C TRP A 64 10.06 -2.01 -13.76
N ARG A 65 10.51 -1.42 -12.65
CA ARG A 65 11.35 -0.22 -12.74
C ARG A 65 12.65 -0.50 -13.47
N VAL A 66 13.28 -1.65 -13.18
CA VAL A 66 14.50 -2.02 -13.89
C VAL A 66 14.23 -2.12 -15.38
N LEU A 67 13.18 -2.86 -15.76
CA LEU A 67 12.90 -3.10 -17.16
C LEU A 67 12.49 -1.81 -17.86
N SER A 68 11.61 -1.01 -17.23
CA SER A 68 11.23 0.27 -17.81
C SER A 68 12.44 1.14 -18.08
N SER A 69 13.38 1.18 -17.13
CA SER A 69 14.60 1.96 -17.31
C SER A 69 15.38 1.46 -18.52
N ILE A 70 15.57 0.14 -18.63
CA ILE A 70 16.25 -0.42 -19.79
C ILE A 70 15.48 -0.10 -21.06
N GLU A 71 14.15 -0.12 -20.98
CA GLU A 71 13.33 0.18 -22.14
C GLU A 71 13.49 1.63 -22.59
N GLN A 72 13.53 2.56 -21.62
CA GLN A 72 13.68 3.97 -21.97
C GLN A 72 15.06 4.25 -22.56
N LYS A 73 16.10 3.62 -22.03
CA LYS A 73 17.43 3.77 -22.61
C LYS A 73 17.45 3.27 -24.05
N SER A 74 16.73 2.19 -24.34
CA SER A 74 16.68 1.66 -25.70
C SER A 74 16.03 2.64 -26.67
N ASN A 75 15.27 3.61 -26.16
CA ASN A 75 14.52 4.55 -27.00
C ASN A 75 15.11 5.96 -26.94
N GLU A 76 16.43 6.06 -26.78
CA GLU A 76 17.10 7.35 -26.82
C GLU A 76 17.63 7.64 -28.23
N GLU A 77 17.45 8.87 -28.68
C GLU A 77 21.14 8.44 -29.09
N GLY A 78 21.27 7.47 -30.00
CA GLY A 78 22.48 6.69 -30.14
C GLY A 78 22.40 5.26 -29.64
N SER A 79 21.20 4.69 -29.54
CA SER A 79 21.01 3.35 -29.01
C SER A 79 20.70 2.39 -30.14
N GLU A 80 21.26 1.18 -30.05
CA GLU A 80 21.05 0.16 -31.06
C GLU A 80 19.77 -0.62 -30.76
N GLU A 81 19.06 -0.97 -31.82
CA GLU A 81 17.78 -1.67 -31.69
C GLU A 81 17.99 -3.10 -31.20
N GLY A 83 15.11 -5.02 -31.09
CA GLY A 83 14.00 -5.96 -31.15
C GLY A 83 12.93 -5.66 -30.12
N PRO A 84 11.84 -6.43 -30.15
CA PRO A 84 10.72 -6.17 -29.25
C PRO A 84 10.85 -6.82 -27.87
N GLU A 85 12.00 -7.42 -27.55
CA GLU A 85 12.07 -8.27 -26.35
C GLU A 85 11.94 -7.45 -25.07
N VAL A 86 12.65 -6.32 -24.99
CA VAL A 86 12.58 -5.50 -23.78
C VAL A 86 11.14 -5.09 -23.51
N ARG A 87 10.47 -4.53 -24.52
CA ARG A 87 9.07 -4.14 -24.35
C ARG A 87 8.22 -5.33 -23.95
N GLU A 88 8.39 -6.47 -24.64
CA GLU A 88 7.58 -7.65 -24.36
C GLU A 88 7.72 -8.07 -22.91
N TYR A 89 8.95 -8.17 -22.41
CA TYR A 89 9.17 -8.69 -21.07
C TYR A 89 8.71 -7.69 -20.02
N ARG A 90 8.93 -6.39 -20.26
CA ARG A 90 8.37 -5.37 -19.39
C ARG A 90 6.85 -5.49 -19.34
N GLU A 91 6.22 -5.67 -20.50
CA GLU A 91 4.77 -5.85 -20.54
C GLU A 91 4.35 -7.08 -19.75
N LYS A 92 5.15 -8.15 -19.78
CA LYS A 92 4.80 -9.36 -19.03
C LYS A 92 4.78 -9.08 -17.53
N VAL A 93 5.85 -8.49 -17.02
CA VAL A 93 5.90 -8.14 -15.60
C VAL A 93 4.77 -7.18 -15.27
N GLU A 94 4.56 -6.18 -16.11
CA GLU A 94 3.50 -5.20 -15.88
C GLU A 94 2.13 -5.88 -15.80
N THR A 95 1.84 -6.78 -16.74
CA THR A 95 0.57 -7.48 -16.72
C THR A 95 0.41 -8.32 -15.45
N GLU A 96 1.51 -8.94 -15.00
CA GLU A 96 1.46 -9.71 -13.76
C GLU A 96 1.26 -8.79 -12.56
N LEU A 97 1.92 -7.63 -12.57
CA LEU A 97 1.71 -6.65 -11.50
C LEU A 97 0.26 -6.21 -11.45
N GLN A 98 -0.31 -5.85 -12.60
CA GLN A 98 -1.70 -5.41 -12.63
C GLN A 98 -2.64 -6.50 -12.13
N GLY A 99 -2.35 -7.75 -12.50
CA GLY A 99 -3.18 -8.85 -12.01
C GLY A 99 -3.19 -8.93 -10.50
N VAL A 100 -2.03 -8.75 -9.85
CA VAL A 100 -1.97 -8.75 -8.39
C VAL A 100 -2.79 -7.59 -7.84
N CYS A 101 -2.63 -6.40 -8.41
CA CYS A 101 -3.38 -5.25 -7.93
C CYS A 101 -4.88 -5.47 -8.08
N ASP A 102 -5.31 -6.07 -9.19
CA ASP A 102 -6.73 -6.36 -9.37
C ASP A 102 -7.22 -7.40 -8.36
N THR A 103 -6.36 -8.38 -8.04
CA THR A 103 -6.74 -9.39 -7.04
C THR A 103 -7.02 -8.72 -5.69
N VAL A 104 -6.11 -7.84 -5.25
CA VAL A 104 -6.31 -7.16 -3.97
C VAL A 104 -7.56 -6.28 -4.02
N LEU A 105 -7.67 -5.44 -5.05
CA LEU A 105 -8.84 -4.59 -5.17
C LEU A 105 -10.12 -5.42 -5.21
N GLY A 106 -10.06 -6.59 -5.83
CA GLY A 106 -11.21 -7.47 -5.84
C GLY A 106 -11.59 -7.94 -4.44
N LEU A 107 -10.60 -8.27 -3.61
CA LEU A 107 -10.89 -8.70 -2.25
C LEU A 107 -11.47 -7.57 -1.42
N LEU A 108 -10.94 -6.36 -1.57
CA LEU A 108 -11.47 -5.22 -0.84
C LEU A 108 -12.91 -4.93 -1.26
N ASP A 109 -13.20 -5.08 -2.55
CA ASP A 109 -14.53 -4.82 -3.08
C ASP A 109 -15.50 -5.97 -2.82
N SER A 110 -14.98 -7.17 -2.55
CA SER A 110 -15.80 -8.37 -2.38
C SER A 110 -15.22 -9.21 -1.25
N HIS A 111 -15.48 -8.84 0.01
CA HIS A 111 -16.39 -7.75 0.39
C HIS A 111 -15.86 -7.05 1.64
N LEU A 112 -14.54 -6.95 1.76
CA LEU A 112 -13.93 -6.49 2.99
C LEU A 112 -14.39 -5.09 3.37
N ILE A 113 -14.47 -4.17 2.40
CA ILE A 113 -14.73 -2.78 2.72
C ILE A 113 -16.17 -2.59 3.20
N LYS A 114 -17.13 -3.18 2.50
CA LYS A 114 -18.53 -2.92 2.82
C LYS A 114 -18.93 -3.48 4.18
N GLU A 115 -18.20 -4.47 4.69
CA GLU A 115 -18.46 -4.99 6.04
C GLU A 115 -17.60 -4.35 7.10
N ALA A 116 -16.65 -3.48 6.73
CA ALA A 116 -15.76 -2.86 7.69
C ALA A 116 -16.42 -1.62 8.27
N GLY A 117 -16.88 -1.72 9.52
CA GLY A 117 -17.54 -0.62 10.18
C GLY A 117 -16.65 0.18 11.12
N ASP A 118 -15.70 -0.49 11.78
CA ASP A 118 -14.80 0.20 12.69
C ASP A 118 -13.74 0.98 11.94
N ALA A 119 -13.30 2.10 12.55
CA ALA A 119 -12.31 2.96 11.91
C ALA A 119 -11.01 2.22 11.60
N GLU A 120 -10.52 1.41 12.55
CA GLU A 120 -9.24 0.74 12.32
C GLU A 120 -9.30 -0.15 11.09
N SER A 121 -10.44 -0.83 10.88
CA SER A 121 -10.58 -1.71 9.73
C SER A 121 -10.93 -0.93 8.47
N ARG A 122 -11.91 -0.03 8.56
CA ARG A 122 -12.33 0.70 7.36
C ARG A 122 -11.21 1.55 6.80
N VAL A 123 -10.53 2.32 7.66
CA VAL A 123 -9.43 3.15 7.20
C VAL A 123 -8.33 2.28 6.60
N PHE A 124 -8.04 1.14 7.24
CA PHE A 124 -7.00 0.24 6.74
C PHE A 124 -7.31 -0.23 5.33
N TYR A 125 -8.56 -0.64 5.08
CA TYR A 125 -8.91 -1.18 3.77
C TYR A 125 -8.96 -0.07 2.73
N LEU A 126 -9.51 1.09 3.07
CA LEU A 126 -9.56 2.20 2.12
C LEU A 126 -8.17 2.69 1.77
N LYS A 127 -7.27 2.76 2.75
CA LYS A 127 -5.88 3.07 2.47
C LYS A 127 -5.29 2.04 1.51
N MET A 128 -5.52 0.75 1.81
CA MET A 128 -5.02 -0.30 0.94
C MET A 128 -5.55 -0.14 -0.48
N LYS A 129 -6.83 0.21 -0.61
CA LYS A 129 -7.40 0.48 -1.93
C LYS A 129 -6.64 1.61 -2.62
N GLY A 130 -6.33 2.68 -1.89
CA GLY A 130 -5.55 3.75 -2.47
C GLY A 130 -4.17 3.30 -2.89
N ASP A 131 -3.52 2.50 -2.04
CA ASP A 131 -2.17 2.01 -2.35
C ASP A 131 -2.15 1.23 -3.65
N TYR A 132 -3.12 0.34 -3.85
CA TYR A 132 -3.05 -0.55 -5.00
C TYR A 132 -3.59 0.08 -6.27
N TYR A 133 -4.46 1.08 -6.16
CA TYR A 133 -4.71 1.93 -7.32
C TYR A 133 -3.50 2.80 -7.64
N ARG A 134 -2.72 3.17 -6.62
CA ARG A 134 -1.49 3.93 -6.85
C ARG A 134 -0.45 3.09 -7.57
N TYR A 135 -0.32 1.81 -7.19
CA TYR A 135 0.60 0.93 -7.89
C TYR A 135 0.18 0.74 -9.34
N LEU A 136 -1.13 0.66 -9.59
CA LEU A 136 -1.60 0.64 -10.97
C LEU A 136 -1.24 1.92 -11.69
N ALA A 137 -1.40 3.07 -11.03
CA ALA A 137 -1.08 4.34 -11.67
C ALA A 137 0.38 4.42 -12.07
N GLU A 138 1.26 3.77 -11.32
CA GLU A 138 2.69 3.87 -11.58
C GLU A 138 3.05 3.34 -12.96
N VAL A 139 2.27 2.39 -13.48
CA VAL A 139 2.54 1.78 -14.78
C VAL A 139 1.51 2.14 -15.82
N ALA A 140 0.55 2.99 -15.48
CA ALA A 140 -0.54 3.30 -16.40
C ALA A 140 -0.13 4.38 -17.39
N THR A 141 -0.71 4.31 -18.58
CA THR A 141 -0.44 5.30 -19.63
C THR A 141 -1.73 5.65 -20.37
N ASP A 144 -7.09 5.65 -19.47
CA ASP A 144 -7.64 5.24 -18.18
C ASP A 144 -6.70 5.66 -17.04
N LYS A 145 -5.51 6.15 -17.40
CA LYS A 145 -4.57 6.63 -16.40
C LYS A 145 -5.23 7.61 -15.43
N LYS A 146 -6.00 8.56 -15.97
CA LYS A 146 -6.61 9.58 -15.12
C LYS A 146 -7.62 8.99 -14.17
N ARG A 147 -8.43 8.03 -14.64
CA ARG A 147 -9.43 7.41 -13.76
C ARG A 147 -8.76 6.62 -12.65
N ILE A 148 -7.65 5.95 -12.98
CA ILE A 148 -6.90 5.20 -11.97
C ILE A 148 -6.41 6.16 -10.89
N ILE A 149 -5.83 7.29 -11.29
CA ILE A 149 -5.38 8.29 -10.33
C ILE A 149 -6.53 8.78 -9.47
N ASP A 150 -7.68 9.05 -10.10
CA ASP A 150 -8.83 9.53 -9.33
CA ASP A 150 -8.84 9.53 -9.35
C ASP A 150 -9.34 8.48 -8.36
N SER A 151 -9.27 7.20 -8.76
CA SER A 151 -9.72 6.14 -7.86
C SER A 151 -8.80 6.05 -6.65
N ALA A 152 -7.49 6.18 -6.85
CA ALA A 152 -6.57 6.25 -5.72
C ALA A 152 -6.88 7.46 -4.84
N ARG A 153 -6.97 8.65 -5.45
CA ARG A 153 -7.26 9.85 -4.68
C ARG A 153 -8.53 9.69 -3.87
N SER A 154 -9.59 9.17 -4.49
CA SER A 154 -10.87 9.06 -3.81
C SER A 154 -10.79 8.09 -2.64
N ALA A 155 -10.09 6.96 -2.81
CA ALA A 155 -9.93 6.01 -1.73
C ALA A 155 -9.13 6.62 -0.58
N TYR A 156 -8.01 7.27 -0.90
CA TYR A 156 -7.20 7.91 0.13
C TYR A 156 -7.99 8.98 0.87
N GLN A 157 -8.79 9.77 0.14
CA GLN A 157 -9.49 10.89 0.77
C GLN A 157 -10.58 10.41 1.71
N GLU A 158 -11.34 9.39 1.29
CA GLU A 158 -12.33 8.82 2.19
C GLU A 158 -11.67 8.27 3.45
N ALA A 159 -10.49 7.63 3.29
CA ALA A 159 -9.77 7.13 4.45
C ALA A 159 -9.28 8.29 5.32
N MET A 160 -8.78 9.36 4.71
CA MET A 160 -8.31 10.49 5.49
C MET A 160 -9.44 11.11 6.31
N ASP A 161 -10.60 11.30 5.69
CA ASP A 161 -11.73 11.90 6.39
C ASP A 161 -12.08 11.09 7.64
N ILE A 162 -12.18 9.76 7.50
CA ILE A 162 -12.54 8.92 8.65
C ILE A 162 -11.45 8.98 9.71
N SER A 163 -10.17 8.88 9.29
CA SER A 163 -9.09 8.85 10.27
C SER A 163 -9.01 10.15 11.06
N LYS A 164 -9.25 11.29 10.39
CA LYS A 164 -9.21 12.57 11.08
C LYS A 164 -10.37 12.70 12.08
N LYS A 165 -11.50 12.05 11.80
CA LYS A 165 -12.63 12.12 12.71
C LYS A 165 -12.52 11.13 13.86
N GLU A 166 -11.96 9.94 13.61
CA GLU A 166 -12.09 8.82 14.53
C GLU A 166 -10.79 8.37 15.17
N MET A 167 -9.64 8.86 14.73
CA MET A 167 -8.37 8.37 15.22
C MET A 167 -7.49 9.51 15.73
N PRO A 168 -6.68 9.27 16.75
CA PRO A 168 -5.74 10.30 17.21
C PRO A 168 -4.65 10.53 16.18
N PRO A 169 -4.02 11.71 16.19
CA PRO A 169 -3.01 12.01 15.16
C PRO A 169 -1.85 11.04 15.14
N THR A 170 -1.58 10.33 16.23
CA THR A 170 -0.44 9.42 16.30
C THR A 170 -0.79 7.98 15.96
N ASN A 171 -2.05 7.71 15.62
CA ASN A 171 -2.45 6.35 15.27
C ASN A 171 -1.58 5.84 14.12
N PRO A 172 -0.92 4.69 14.27
CA PRO A 172 -0.05 4.21 13.18
C PRO A 172 -0.74 4.07 11.84
N ILE A 173 -2.00 3.64 11.82
CA ILE A 173 -2.71 3.50 10.55
C ILE A 173 -2.95 4.87 9.93
N ARG A 174 -3.41 5.83 10.73
CA ARG A 174 -3.57 7.20 10.24
C ARG A 174 -2.25 7.76 9.73
N LEU A 175 -1.16 7.53 10.47
CA LEU A 175 0.14 8.02 10.05
C LEU A 175 0.58 7.37 8.75
N GLY A 176 0.45 6.05 8.65
CA GLY A 176 0.80 5.37 7.41
C GLY A 176 -0.06 5.80 6.25
N LEU A 177 -1.34 6.07 6.50
CA LEU A 177 -2.23 6.58 5.47
C LEU A 177 -1.75 7.93 4.95
N ALA A 178 -1.50 8.87 5.87
CA ALA A 178 -1.06 10.20 5.47
C ALA A 178 0.28 10.13 4.74
N LEU A 179 1.18 9.28 5.21
CA LEU A 179 2.45 9.10 4.53
C LEU A 179 2.23 8.67 3.08
N ASN A 180 1.44 7.62 2.87
CA ASN A 180 1.23 7.12 1.51
C ASN A 180 0.45 8.10 0.65
N PHE A 181 -0.50 8.82 1.24
CA PHE A 181 -1.23 9.83 0.48
C PHE A 181 -0.29 10.95 0.04
N SER A 182 0.67 11.32 0.90
CA SER A 182 1.64 12.34 0.52
C SER A 182 2.57 11.84 -0.59
N VAL A 183 2.92 10.54 -0.54
CA VAL A 183 3.68 9.94 -1.63
C VAL A 183 2.88 9.99 -2.92
N PHE A 184 1.59 9.67 -2.85
CA PHE A 184 0.72 9.78 -4.01
C PHE A 184 0.76 11.19 -4.60
N HIS A 185 0.60 12.21 -3.75
CA HIS A 185 0.64 13.59 -4.23
C HIS A 185 1.95 13.89 -4.95
N TYR A 186 3.06 13.44 -4.39
CA TYR A 186 4.37 13.81 -4.92
C TYR A 186 4.72 13.01 -6.17
N GLU A 187 4.51 11.70 -6.12
CA GLU A 187 5.00 10.81 -7.17
C GLU A 187 3.99 10.55 -8.27
N ILE A 188 2.69 10.62 -7.96
CA ILE A 188 1.63 10.24 -8.89
C ILE A 188 0.89 11.47 -9.42
N ALA A 189 0.44 12.34 -8.52
CA ALA A 189 -0.49 13.41 -8.87
C ALA A 189 0.20 14.70 -9.27
N ASN A 190 1.54 14.72 -9.29
CA ASN A 190 2.29 15.93 -9.65
C ASN A 190 1.89 17.11 -8.77
N SER A 191 1.69 16.84 -7.48
CA SER A 191 1.32 17.85 -6.48
C SER A 191 2.33 17.87 -5.36
N PRO A 192 3.59 18.21 -5.64
CA PRO A 192 4.61 18.20 -4.58
C PRO A 192 4.31 19.14 -3.43
N GLU A 193 3.62 20.25 -3.68
CA GLU A 193 3.31 21.18 -2.59
C GLU A 193 2.24 20.60 -1.68
N GLU A 194 1.25 19.90 -2.24
CA GLU A 194 0.30 19.17 -1.42
C GLU A 194 0.99 18.09 -0.60
N ALA A 195 1.92 17.37 -1.22
CA ALA A 195 2.66 16.33 -0.52
C ALA A 195 3.43 16.90 0.66
N ILE A 196 4.10 18.04 0.47
CA ILE A 196 4.89 18.64 1.53
C ILE A 196 3.99 19.16 2.64
N SER A 197 2.87 19.80 2.29
CA SER A 197 1.96 20.33 3.30
C SER A 197 1.37 19.20 4.15
N LEU A 198 0.95 18.11 3.50
CA LEU A 198 0.38 17.00 4.24
CA LEU A 198 0.38 17.00 4.24
C LEU A 198 1.39 16.37 5.17
N ALA A 199 2.63 16.17 4.70
CA ALA A 199 3.65 15.57 5.53
C ALA A 199 3.99 16.46 6.72
N LYS A 200 4.07 17.78 6.49
CA LYS A 200 4.36 18.70 7.59
C LYS A 200 3.29 18.62 8.67
N THR A 201 2.03 18.85 8.29
CA THR A 201 0.96 18.92 9.27
C THR A 201 0.73 17.58 9.95
N THR A 202 0.90 16.48 9.23
CA THR A 202 0.80 15.16 9.84
C THR A 202 1.88 14.98 10.91
N PHE A 203 3.12 15.35 10.59
CA PHE A 203 4.21 15.23 11.56
C PHE A 203 3.96 16.11 12.78
N ASP A 204 3.65 17.39 12.54
CA ASP A 204 3.46 18.33 13.64
C ASP A 204 2.30 17.92 14.54
N GLU A 205 1.18 17.50 13.95
CA GLU A 205 0.04 17.11 14.77
C GLU A 205 0.33 15.83 15.56
N ALA A 206 1.16 14.94 15.02
CA ALA A 206 1.54 13.75 15.77
C ALA A 206 2.51 14.11 16.88
N MET A 207 3.52 14.94 16.59
CA MET A 207 4.44 15.41 17.61
C MET A 207 3.69 15.90 18.84
N ALA A 208 2.67 16.74 18.64
CA ALA A 208 1.94 17.34 19.75
C ALA A 208 1.09 16.34 20.49
N ASP A 209 0.94 15.11 19.99
CA ASP A 209 0.12 14.10 20.62
C ASP A 209 0.95 12.98 21.25
N LEU A 210 2.27 12.98 21.06
CA LEU A 210 3.11 11.92 21.61
C LEU A 210 3.04 11.87 23.13
N HIS A 211 2.77 13.00 23.79
CA HIS A 211 2.78 13.02 25.25
C HIS A 211 1.69 12.14 25.85
N THR A 212 0.72 11.69 25.06
CA THR A 212 -0.37 10.86 25.55
C THR A 212 -0.06 9.37 25.46
N LEU A 213 1.07 8.99 24.88
CA LEU A 213 1.31 7.61 24.48
C LEU A 213 2.19 6.89 25.50
N SER A 214 2.03 5.57 25.54
CA SER A 214 2.93 4.71 26.26
C SER A 214 4.27 4.64 25.54
N GLU A 215 5.26 4.06 26.23
CA GLU A 215 6.58 3.88 25.63
C GLU A 215 6.50 3.08 24.33
N ASP A 216 5.67 2.03 24.31
CA ASP A 216 5.57 1.20 23.12
C ASP A 216 4.81 1.89 22.00
N SER A 217 3.71 2.58 22.33
CA SER A 217 3.01 3.35 21.32
C SER A 217 3.85 4.51 20.82
N TYR A 218 4.65 5.10 21.71
CA TYR A 218 5.57 6.18 21.30
C TYR A 218 6.57 5.67 20.27
N LYS A 219 7.13 4.48 20.49
CA LYS A 219 8.06 3.90 19.53
C LYS A 219 7.36 3.66 18.19
N ASP A 220 6.15 3.11 18.21
CA ASP A 220 5.45 2.82 16.96
C ASP A 220 5.22 4.09 16.15
N SER A 221 4.71 5.13 16.79
CA SER A 221 4.36 6.35 16.07
C SER A 221 5.61 7.06 15.55
N THR A 222 6.63 7.23 16.39
CA THR A 222 7.82 7.96 15.98
C THR A 222 8.55 7.25 14.86
N LEU A 223 8.52 5.91 14.84
CA LEU A 223 9.12 5.17 13.74
C LEU A 223 8.52 5.60 12.41
N ILE A 224 7.19 5.73 12.36
CA ILE A 224 6.53 6.12 11.10
C ILE A 224 6.75 7.60 10.84
N MET A 225 6.71 8.43 11.88
CA MET A 225 6.95 9.86 11.71
C MET A 225 8.29 10.11 11.04
N GLN A 226 9.30 9.30 11.35
CA GLN A 226 10.63 9.49 10.76
C GLN A 226 10.59 9.39 9.25
N LEU A 227 9.72 8.53 8.70
CA LEU A 227 9.58 8.44 7.25
C LEU A 227 9.01 9.73 6.68
N LEU A 228 7.97 10.29 7.33
CA LEU A 228 7.49 11.61 6.95
C LEU A 228 8.63 12.62 6.94
N ARG A 229 9.45 12.62 8.00
CA ARG A 229 10.59 13.53 8.08
C ARG A 229 11.59 13.26 6.95
N ASP A 230 11.90 11.99 6.69
CA ASP A 230 12.86 11.69 5.64
C ASP A 230 12.38 12.18 4.28
N ASN A 231 11.10 11.99 3.98
CA ASN A 231 10.56 12.47 2.71
C ASN A 231 10.66 14.00 2.61
N LEU A 232 10.27 14.70 3.67
CA LEU A 232 10.37 16.16 3.67
C LEU A 232 11.80 16.59 3.39
N THR A 233 12.78 15.88 3.94
CA THR A 233 14.19 16.21 3.70
C THR A 233 14.54 16.05 2.22
N LEU A 234 14.00 15.01 1.58
CA LEU A 234 14.25 14.81 0.15
C LEU A 234 13.45 15.78 -0.70
N TRP A 235 12.29 16.22 -0.22
CA TRP A 235 11.41 17.08 -0.99
C TRP A 235 11.72 18.56 -0.84
N THR A 236 12.53 18.94 0.15
CA THR A 236 12.80 20.36 0.41
C THR A 236 14.27 20.58 0.74
C HIS B 2 15.31 8.57 -8.41
N VAL B 3 15.48 9.35 -7.35
CA VAL B 3 15.23 8.87 -5.99
C VAL B 3 13.75 8.93 -5.72
N ARG B 4 13.21 7.88 -5.10
CA ARG B 4 11.78 7.73 -4.91
C ARG B 4 11.40 7.92 -3.45
N SER B 5 10.22 8.50 -3.24
CA SER B 5 9.74 8.80 -1.90
C SER B 5 9.55 7.52 -1.10
N LEU B 6 9.67 7.65 0.22
CA LEU B 6 9.48 6.51 1.11
C LEU B 6 8.01 6.37 1.47
N SEP B 7 7.47 5.17 1.31
CA SEP B 7 6.09 4.89 1.67
CB SEP B 7 5.35 4.21 0.52
OG SEP B 7 5.84 2.91 0.30
C SEP B 7 6.05 4.01 2.91
O SEP B 7 7.07 3.51 3.38
P SEP B 7 5.25 2.25 -1.04
O1P SEP B 7 6.06 0.91 -1.34
O2P SEP B 7 3.69 1.91 -0.83
O3P SEP B 7 5.42 3.28 -2.27
HA SEP B 7 5.63 5.73 1.86
HB2 SEP B 7 5.48 4.74 -0.30
HB3 SEP B 7 4.41 4.17 0.72
N GLU B 8 4.84 3.82 3.44
CA GLU B 8 4.64 3.09 4.69
C GLU B 8 5.34 1.74 4.69
N ARG B 9 6.00 1.44 5.80
CA ARG B 9 6.70 0.17 5.98
C ARG B 9 5.83 -0.79 6.79
N LEU B 10 6.01 -2.08 6.51
CA LEU B 10 5.30 -3.10 7.26
C LEU B 10 5.64 -3.02 8.73
N MET B 11 4.62 -3.14 9.58
CA MET B 11 4.82 -3.11 11.01
C MET B 11 5.67 -4.32 11.42
N GLN B 12 6.49 -4.14 12.45
C13 K92 C . 0.38 -4.26 13.22
C15 K92 C . 0.79 -3.58 15.21
C17 K92 C . 1.84 -5.56 16.27
C20 K92 C . 2.83 -9.55 11.18
C01 K92 C . -1.84 -8.44 17.08
C02 K92 C . -0.78 -9.30 16.85
C03 K92 C . 0.07 -9.07 15.78
C04 K92 C . -0.12 -7.98 14.94
C05 K92 C . -1.18 -7.12 15.19
C06 K92 C . -2.04 -7.35 16.25
C07 K92 C . 0.77 -7.79 13.88
C08 K92 C . 1.26 -8.87 13.16
C09 K92 C . 2.14 -8.57 12.13
C11 K92 C . 1.25 -6.56 13.45
C12 K92 C . 0.96 -5.29 13.95
C18 K92 C . 3.01 -4.75 16.82
N14 K92 C . 0.29 -3.23 14.04
N16 K92 C . 1.22 -4.82 15.16
N19 K92 C . 2.56 -3.84 17.87
N21 K92 C . 3.44 -9.13 10.16
N22 K92 C . 2.80 -10.97 11.44
S10 K92 C . 2.31 -6.85 12.12
H131 K92 C . 0.10 -4.29 12.33
H151 K92 C . 0.86 -3.02 15.95
H171 K92 C . 1.18 -5.69 16.96
H172 K92 C . 2.15 -6.42 15.95
H011 K92 C . -2.42 -8.59 17.80
H021 K92 C . -0.65 -10.03 17.41
H031 K92 C . 0.78 -9.65 15.63
H051 K92 C . -1.32 -6.40 14.62
H061 K92 C . -2.75 -6.77 16.41
H081 K92 C . 1.02 -9.75 13.36
H181 K92 C . 3.41 -4.23 16.11
H182 K92 C . 3.68 -5.36 17.18
H1 K92 C . 2.84 -4.15 18.66
H191 K92 C . 2.88 -3.03 17.73
H2 K92 C . 3.45 -8.28 9.99
H221 K92 C . 2.40 -11.28 12.14
CL CL D . 0.28 -26.33 2.63
#